data_8ZLZ
#
_entry.id   8ZLZ
#
_cell.length_a   67.493
_cell.length_b   67.493
_cell.length_c   118.108
_cell.angle_alpha   90.00
_cell.angle_beta   90.00
_cell.angle_gamma   90.00
#
_symmetry.space_group_name_H-M   'P 41 21 2'
#
loop_
_entity.id
_entity.type
_entity.pdbx_description
1 polymer 'All1292 protein'
2 polymer 'C-terminus of CcmK1'
3 water water
#
loop_
_entity_poly.entity_id
_entity_poly.type
_entity_poly.pdbx_seq_one_letter_code
_entity_poly.pdbx_strand_id
1 'polypeptide(L)'
;SKWRSQLDRFVKENQQDLAALFWGLWLENGDSQGTIGIDLQPTPHFVYCPKDAVEKLNNNVENRLQELLGIIEHNQPEIE
VLMIGIGKGEIKLIQFAPEPPPPVCFEQVGKDIDGLLELLEQRMSGEIVV
;
A,B
2 'polypeptide(L)' FRENVNAIRPFGRRP D
#
# COMPACT_ATOMS: atom_id res chain seq x y z
N SER A 1 11.67 13.00 14.06
CA SER A 1 10.78 11.98 13.50
C SER A 1 9.86 12.59 12.44
N LYS A 2 9.89 13.93 12.33
CA LYS A 2 9.09 14.64 11.32
C LYS A 2 9.43 14.19 9.90
N TRP A 3 10.65 13.71 9.70
CA TRP A 3 11.04 13.23 8.38
C TRP A 3 10.17 12.07 7.90
N ARG A 4 9.64 11.25 8.82
CA ARG A 4 8.81 10.13 8.38
C ARG A 4 7.59 10.60 7.63
N SER A 5 6.92 11.65 8.15
CA SER A 5 5.72 12.17 7.50
C SER A 5 6.07 12.90 6.21
N GLN A 6 7.18 13.66 6.22
CA GLN A 6 7.62 14.31 4.98
C GLN A 6 7.92 13.28 3.91
N LEU A 7 8.64 12.20 4.27
CA LEU A 7 8.92 11.17 3.28
C LEU A 7 7.64 10.49 2.83
N ASP A 8 6.73 10.22 3.77
CA ASP A 8 5.47 9.59 3.40
C ASP A 8 4.67 10.45 2.43
N ARG A 9 4.64 11.77 2.64
CA ARG A 9 3.94 12.64 1.69
C ARG A 9 4.64 12.68 0.35
N PHE A 10 5.98 12.70 0.36
CA PHE A 10 6.70 12.64 -0.90
C PHE A 10 6.36 11.38 -1.67
N VAL A 11 6.33 10.23 -0.97
CA VAL A 11 6.01 8.97 -1.64
C VAL A 11 4.59 9.02 -2.26
N LYS A 12 3.60 9.51 -1.50
CA LYS A 12 2.23 9.55 -2.00
C LYS A 12 2.15 10.37 -3.29
N GLU A 13 2.92 11.45 -3.36
CA GLU A 13 2.90 12.36 -4.50
C GLU A 13 3.71 11.87 -5.69
N ASN A 14 4.61 10.90 -5.48
CA ASN A 14 5.56 10.49 -6.50
C ASN A 14 5.50 8.99 -6.77
N GLN A 15 4.33 8.37 -6.62
CA GLN A 15 4.25 6.92 -6.76
C GLN A 15 4.61 6.46 -8.18
N GLN A 16 4.21 7.22 -9.20
CA GLN A 16 4.50 6.78 -10.57
C GLN A 16 6.01 6.77 -10.84
N ASP A 17 6.69 7.84 -10.45
CA ASP A 17 8.12 7.93 -10.68
C ASP A 17 8.89 6.92 -9.82
N LEU A 18 8.49 6.77 -8.56
CA LEU A 18 9.16 5.79 -7.70
C LEU A 18 8.94 4.39 -8.21
N ALA A 19 7.73 4.10 -8.73
CA ALA A 19 7.45 2.77 -9.26
C ALA A 19 8.28 2.47 -10.50
N ALA A 20 8.41 3.46 -11.39
CA ALA A 20 9.24 3.30 -12.58
C ALA A 20 10.69 3.02 -12.19
N LEU A 21 11.23 3.78 -11.22
CA LEU A 21 12.59 3.53 -10.77
C LEU A 21 12.73 2.15 -10.13
N PHE A 22 11.77 1.81 -9.26
CA PHE A 22 11.74 0.49 -8.62
C PHE A 22 11.84 -0.62 -9.64
N TRP A 23 10.99 -0.58 -10.68
CA TRP A 23 10.98 -1.63 -11.67
C TRP A 23 12.26 -1.63 -12.50
N GLY A 24 12.75 -0.45 -12.90
CA GLY A 24 13.97 -0.42 -13.69
C GLY A 24 15.16 -1.04 -12.96
N LEU A 25 15.33 -0.73 -11.68
CA LEU A 25 16.45 -1.28 -10.90
C LEU A 25 16.26 -2.76 -10.69
N TRP A 26 14.99 -3.19 -10.56
CA TRP A 26 14.67 -4.63 -10.39
C TRP A 26 15.00 -5.39 -11.69
N LEU A 27 14.62 -4.81 -12.81
CA LEU A 27 15.07 -5.42 -14.06
C LEU A 27 16.59 -5.59 -14.08
N GLU A 28 17.33 -4.67 -13.46
CA GLU A 28 18.78 -4.79 -13.48
C GLU A 28 19.31 -5.80 -12.46
N ASN A 29 18.67 -5.88 -11.28
CA ASN A 29 19.30 -6.61 -10.17
C ASN A 29 18.43 -7.65 -9.48
N GLY A 30 17.12 -7.68 -9.71
CA GLY A 30 16.30 -8.47 -8.81
C GLY A 30 16.58 -8.03 -7.39
N ASP A 31 16.66 -9.01 -6.48
CA ASP A 31 16.99 -8.74 -5.08
C ASP A 31 18.47 -8.98 -4.77
N SER A 32 19.32 -9.12 -5.80
CA SER A 32 20.71 -9.51 -5.57
C SER A 32 21.51 -8.46 -4.79
N GLN A 33 21.12 -7.20 -4.85
CA GLN A 33 21.77 -6.14 -4.10
C GLN A 33 21.04 -5.78 -2.82
N GLY A 34 19.92 -6.42 -2.54
CA GLY A 34 19.13 -6.09 -1.38
C GLY A 34 17.95 -5.21 -1.75
N THR A 35 17.48 -4.47 -0.74
CA THR A 35 16.29 -3.65 -0.83
C THR A 35 16.68 -2.23 -1.22
N ILE A 36 15.87 -1.61 -2.08
CA ILE A 36 16.13 -0.22 -2.41
C ILE A 36 15.85 0.62 -1.18
N GLY A 37 16.83 1.41 -0.76
CA GLY A 37 16.62 2.32 0.34
C GLY A 37 16.75 3.77 -0.06
N ILE A 38 16.22 4.66 0.77
CA ILE A 38 16.45 6.10 0.65
C ILE A 38 17.12 6.51 1.96
N ASP A 39 18.41 6.84 1.91
CA ASP A 39 19.11 7.34 3.09
C ASP A 39 18.96 8.86 3.07
N LEU A 40 18.34 9.40 4.12
CA LEU A 40 18.04 10.83 4.12
C LEU A 40 19.23 11.72 4.41
N GLN A 41 20.34 11.16 4.89
CA GLN A 41 21.47 11.99 5.25
C GLN A 41 22.68 11.67 4.37
N PRO A 42 23.52 12.66 4.06
CA PRO A 42 23.39 14.09 4.43
C PRO A 42 22.28 14.80 3.66
N THR A 43 21.96 14.30 2.48
CA THR A 43 20.79 14.66 1.71
C THR A 43 20.18 13.37 1.20
N PRO A 44 18.89 13.37 0.86
CA PRO A 44 18.24 12.11 0.46
C PRO A 44 18.85 11.53 -0.80
N HIS A 45 19.17 10.24 -0.75
CA HIS A 45 19.71 9.57 -1.92
C HIS A 45 19.40 8.08 -1.87
N PHE A 46 19.28 7.47 -3.04
CA PHE A 46 18.99 6.04 -3.10
C PHE A 46 20.23 5.20 -2.84
N VAL A 47 20.04 4.11 -2.10
CA VAL A 47 21.10 3.18 -1.76
C VAL A 47 20.52 1.78 -1.75
N TYR A 48 21.36 0.78 -1.99
CA TYR A 48 20.94 -0.59 -1.82
C TYR A 48 21.27 -1.06 -0.42
N CYS A 49 20.36 -1.83 0.17
CA CYS A 49 20.46 -2.28 1.56
C CYS A 49 20.45 -3.80 1.57
N PRO A 50 21.59 -4.45 1.71
CA PRO A 50 21.61 -5.91 1.74
C PRO A 50 20.72 -6.45 2.85
N LYS A 51 20.12 -7.61 2.58
CA LYS A 51 19.18 -8.23 3.51
C LYS A 51 19.76 -8.32 4.92
N ASP A 52 21.02 -8.75 5.02
CA ASP A 52 21.65 -8.93 6.32
C ASP A 52 21.74 -7.59 7.06
N ALA A 53 22.02 -6.50 6.34
CA ALA A 53 22.10 -5.18 6.96
C ALA A 53 20.73 -4.68 7.38
N VAL A 54 19.71 -4.94 6.57
CA VAL A 54 18.35 -4.55 6.95
C VAL A 54 17.96 -5.24 8.24
N GLU A 55 18.24 -6.54 8.33
CA GLU A 55 17.86 -7.30 9.51
C GLU A 55 18.53 -6.76 10.76
N LYS A 56 19.83 -6.50 10.70
CA LYS A 56 20.51 -5.95 11.88
C LYS A 56 19.99 -4.57 12.24
N LEU A 57 19.77 -3.72 11.24
CA LEU A 57 19.21 -2.40 11.51
C LEU A 57 17.84 -2.50 12.16
N ASN A 58 17.00 -3.41 11.67
CA ASN A 58 15.65 -3.57 12.19
C ASN A 58 15.63 -4.21 13.57
N ASN A 59 16.69 -4.91 13.95
CA ASN A 59 16.69 -5.56 15.25
C ASN A 59 17.01 -4.59 16.38
N ASN A 60 17.49 -3.38 16.07
CA ASN A 60 17.58 -2.35 17.08
C ASN A 60 16.20 -1.97 17.59
N VAL A 61 16.12 -1.68 18.90
CA VAL A 61 14.85 -1.41 19.56
C VAL A 61 14.16 -0.16 19.02
N GLU A 62 14.90 0.74 18.36
CA GLU A 62 14.26 1.87 17.70
C GLU A 62 13.44 1.46 16.48
N ASN A 63 13.61 0.24 15.99
CA ASN A 63 12.91 -0.20 14.80
C ASN A 63 11.95 -1.35 15.14
N ARG A 64 12.42 -2.60 14.99
CA ARG A 64 11.63 -3.79 15.34
C ARG A 64 10.31 -3.84 14.57
N LEU A 65 10.35 -3.43 13.29
CA LEU A 65 9.18 -3.66 12.45
C LEU A 65 8.91 -5.15 12.37
N GLN A 66 7.72 -5.57 12.83
CA GLN A 66 7.48 -6.99 13.01
C GLN A 66 7.40 -7.71 11.67
N GLU A 67 8.19 -8.79 11.55
CA GLU A 67 8.20 -9.64 10.37
C GLU A 67 8.62 -8.86 9.11
N LEU A 68 9.50 -7.85 9.29
CA LEU A 68 9.93 -7.03 8.16
C LEU A 68 10.58 -7.84 7.05
N LEU A 69 11.44 -8.80 7.40
CA LEU A 69 12.10 -9.58 6.35
C LEU A 69 11.10 -10.40 5.55
N GLY A 70 10.04 -10.88 6.22
CA GLY A 70 8.95 -11.53 5.51
C GLY A 70 8.23 -10.58 4.57
N ILE A 71 7.97 -9.35 5.04
CA ILE A 71 7.32 -8.36 4.17
C ILE A 71 8.17 -8.14 2.92
N ILE A 72 9.48 -8.02 3.10
CA ILE A 72 10.38 -7.78 1.97
C ILE A 72 10.36 -8.98 1.01
N GLU A 73 10.41 -10.20 1.57
CA GLU A 73 10.41 -11.40 0.73
C GLU A 73 9.09 -11.58 -0.01
N HIS A 74 7.97 -11.19 0.61
CA HIS A 74 6.66 -11.45 0.05
C HIS A 74 6.19 -10.39 -0.94
N ASN A 75 6.78 -9.21 -0.92
CA ASN A 75 6.41 -8.16 -1.88
C ASN A 75 6.56 -8.68 -3.30
N GLN A 76 5.52 -8.49 -4.13
CA GLN A 76 5.55 -8.98 -5.51
C GLN A 76 5.84 -7.81 -6.42
N PRO A 77 7.05 -7.72 -6.99
CA PRO A 77 7.51 -6.45 -7.60
C PRO A 77 6.77 -6.08 -8.86
N GLU A 78 6.18 -7.03 -9.58
CA GLU A 78 5.40 -6.69 -10.75
C GLU A 78 4.06 -6.05 -10.39
N ILE A 79 3.67 -6.10 -9.11
CA ILE A 79 2.43 -5.50 -8.62
C ILE A 79 2.72 -4.31 -7.71
N GLU A 80 3.77 -4.39 -6.91
CA GLU A 80 3.87 -3.50 -5.75
C GLU A 80 5.29 -3.02 -5.58
N VAL A 81 5.45 -1.76 -5.16
CA VAL A 81 6.75 -1.20 -4.84
C VAL A 81 7.05 -1.38 -3.35
N LEU A 82 8.31 -1.70 -3.04
CA LEU A 82 8.80 -1.69 -1.66
C LEU A 82 10.15 -1.02 -1.63
N MET A 83 10.30 -0.02 -0.75
CA MET A 83 11.62 0.47 -0.36
C MET A 83 11.63 0.75 1.13
N ILE A 84 12.78 1.13 1.66
CA ILE A 84 12.85 1.56 3.04
C ILE A 84 13.49 2.94 3.11
N GLY A 85 12.93 3.80 3.95
CA GLY A 85 13.55 5.07 4.25
C GLY A 85 14.38 4.88 5.51
N ILE A 86 15.57 5.49 5.52
CA ILE A 86 16.49 5.42 6.65
C ILE A 86 16.82 6.84 7.09
N GLY A 87 16.51 7.16 8.34
CA GLY A 87 16.88 8.46 8.87
C GLY A 87 17.35 8.27 10.30
N LYS A 88 18.58 8.70 10.57
CA LYS A 88 19.29 8.53 11.85
C LYS A 88 18.99 7.18 12.50
N GLY A 89 19.27 6.12 11.74
CA GLY A 89 19.20 4.75 12.22
C GLY A 89 17.80 4.16 12.26
N GLU A 90 16.79 4.92 11.90
CA GLU A 90 15.41 4.51 12.04
C GLU A 90 14.84 4.19 10.67
N ILE A 91 14.10 3.09 10.56
CA ILE A 91 13.54 2.59 9.30
C ILE A 91 12.08 3.02 9.16
N LYS A 92 11.70 3.46 7.97
CA LYS A 92 10.30 3.69 7.59
C LYS A 92 10.01 2.84 6.35
N LEU A 93 9.03 1.96 6.44
CA LEU A 93 8.72 1.12 5.29
C LEU A 93 7.95 1.92 4.25
N ILE A 94 8.37 1.78 2.99
CA ILE A 94 7.67 2.36 1.85
C ILE A 94 7.07 1.20 1.07
N GLN A 95 5.74 1.16 0.99
CA GLN A 95 5.10 0.10 0.21
C GLN A 95 3.81 0.61 -0.38
N PHE A 96 3.60 0.36 -1.67
CA PHE A 96 2.35 0.76 -2.31
C PHE A 96 2.19 -0.01 -3.61
N ALA A 97 0.93 -0.31 -3.97
CA ALA A 97 0.63 -0.97 -5.23
C ALA A 97 0.13 0.11 -6.19
N PRO A 98 0.96 0.60 -7.11
CA PRO A 98 0.59 1.80 -7.88
C PRO A 98 -0.35 1.46 -9.03
N GLU A 99 -0.86 2.53 -9.64
CA GLU A 99 -1.66 2.44 -10.87
C GLU A 99 -1.01 3.37 -11.89
N PRO A 100 -0.53 2.86 -13.03
CA PRO A 100 -0.53 1.48 -13.47
C PRO A 100 0.56 0.69 -12.72
N PRO A 101 0.67 -0.62 -12.90
CA PRO A 101 1.67 -1.41 -12.13
C PRO A 101 3.09 -1.00 -12.46
N PRO A 102 4.07 -1.35 -11.64
CA PRO A 102 5.46 -0.87 -11.85
C PRO A 102 6.00 -1.17 -13.25
N PRO A 103 5.75 -2.33 -13.88
CA PRO A 103 6.35 -2.51 -15.23
C PRO A 103 5.83 -1.51 -16.24
N VAL A 104 4.56 -1.12 -16.12
CA VAL A 104 4.03 -0.12 -17.03
C VAL A 104 4.62 1.25 -16.73
N CYS A 105 4.74 1.59 -15.44
CA CYS A 105 5.36 2.87 -15.10
C CYS A 105 6.73 3.01 -15.71
N PHE A 106 7.53 1.94 -15.68
CA PHE A 106 8.87 2.00 -16.25
C PHE A 106 8.81 2.14 -17.77
N GLU A 107 7.92 1.40 -18.42
CA GLU A 107 7.81 1.51 -19.87
C GLU A 107 7.41 2.92 -20.28
N GLN A 108 6.60 3.60 -19.47
CA GLN A 108 6.17 4.96 -19.85
C GLN A 108 7.32 5.96 -19.75
N VAL A 109 8.26 5.77 -18.83
CA VAL A 109 9.39 6.71 -18.74
C VAL A 109 10.50 6.39 -19.75
N GLY A 110 10.53 5.19 -20.31
CA GLY A 110 11.60 4.81 -21.20
C GLY A 110 12.82 4.31 -20.45
N LYS A 111 13.93 4.26 -21.17
CA LYS A 111 15.12 3.61 -20.62
C LYS A 111 16.07 4.60 -19.96
N ASP A 112 15.54 5.52 -19.14
CA ASP A 112 16.39 6.50 -18.50
C ASP A 112 16.36 6.44 -16.98
N ILE A 113 16.76 5.29 -16.43
CA ILE A 113 16.90 5.14 -14.97
C ILE A 113 17.79 6.21 -14.38
N ASP A 114 18.92 6.53 -15.03
CA ASP A 114 19.81 7.52 -14.45
C ASP A 114 19.13 8.87 -14.31
N GLY A 115 18.40 9.30 -15.35
CA GLY A 115 17.71 10.57 -15.29
C GLY A 115 16.61 10.57 -14.26
N LEU A 116 15.90 9.45 -14.14
CA LEU A 116 14.84 9.34 -13.14
C LEU A 116 15.40 9.39 -11.73
N LEU A 117 16.51 8.69 -11.50
CA LEU A 117 17.16 8.74 -10.20
C LEU A 117 17.58 10.18 -9.85
N GLU A 118 18.22 10.88 -10.80
CA GLU A 118 18.62 12.26 -10.57
C GLU A 118 17.42 13.14 -10.26
N LEU A 119 16.35 12.96 -11.03
CA LEU A 119 15.16 13.79 -10.82
C LEU A 119 14.58 13.56 -9.43
N LEU A 120 14.46 12.29 -9.02
CA LEU A 120 13.86 12.02 -7.72
C LEU A 120 14.74 12.54 -6.59
N GLU A 121 16.07 12.40 -6.73
CA GLU A 121 16.95 12.92 -5.68
C GLU A 121 16.90 14.45 -5.63
N GLN A 122 16.82 15.12 -6.78
CA GLN A 122 16.74 16.58 -6.77
C GLN A 122 15.45 17.03 -6.08
N ARG A 123 14.33 16.36 -6.39
CA ARG A 123 13.06 16.69 -5.75
C ARG A 123 13.13 16.45 -4.24
N MET A 124 13.67 15.29 -3.83
CA MET A 124 13.75 14.95 -2.42
C MET A 124 14.55 15.98 -1.63
N SER A 125 15.57 16.57 -2.27
CA SER A 125 16.43 17.51 -1.56
C SER A 125 15.66 18.72 -1.04
N GLY A 126 14.59 19.13 -1.71
CA GLY A 126 13.76 20.24 -1.22
C GLY A 126 12.46 19.82 -0.55
N GLU A 127 12.20 18.51 -0.42
CA GLU A 127 10.91 18.03 0.05
C GLU A 127 11.00 17.13 1.28
N ILE A 128 12.20 16.74 1.71
CA ILE A 128 12.41 16.15 3.02
C ILE A 128 13.50 17.01 3.62
N VAL A 129 13.12 17.91 4.54
CA VAL A 129 13.90 19.08 4.93
C VAL A 129 13.71 19.30 6.42
N VAL A 130 14.80 19.48 7.16
CA VAL A 130 14.70 19.72 8.60
C VAL A 130 14.47 21.22 8.86
N SER B 1 -11.99 1.98 -17.94
CA SER B 1 -12.16 3.28 -18.59
C SER B 1 -11.50 4.41 -17.78
N LYS B 2 -12.02 4.67 -16.58
CA LYS B 2 -11.37 5.60 -15.66
C LYS B 2 -11.30 5.09 -14.23
N TRP B 3 -11.94 3.97 -13.89
CA TRP B 3 -12.07 3.58 -12.48
C TRP B 3 -10.74 3.23 -11.82
N ARG B 4 -9.77 2.71 -12.58
CA ARG B 4 -8.49 2.35 -11.96
C ARG B 4 -7.76 3.59 -11.44
N SER B 5 -7.63 4.62 -12.28
CA SER B 5 -6.94 5.82 -11.84
C SER B 5 -7.76 6.57 -10.79
N GLN B 6 -9.10 6.52 -10.89
CA GLN B 6 -9.94 7.16 -9.88
C GLN B 6 -9.81 6.46 -8.53
N LEU B 7 -9.79 5.13 -8.51
CA LEU B 7 -9.60 4.41 -7.25
C LEU B 7 -8.22 4.70 -6.69
N ASP B 8 -7.20 4.70 -7.54
CA ASP B 8 -5.85 4.93 -7.08
C ASP B 8 -5.71 6.30 -6.45
N ARG B 9 -6.27 7.32 -7.11
CA ARG B 9 -6.27 8.67 -6.56
C ARG B 9 -7.01 8.72 -5.23
N PHE B 10 -8.16 8.05 -5.13
CA PHE B 10 -8.91 8.09 -3.88
C PHE B 10 -8.10 7.46 -2.75
N VAL B 11 -7.42 6.35 -3.04
CA VAL B 11 -6.61 5.71 -2.00
C VAL B 11 -5.47 6.63 -1.57
N LYS B 12 -4.74 7.21 -2.54
CA LYS B 12 -3.62 8.09 -2.19
C LYS B 12 -4.09 9.27 -1.35
N GLU B 13 -5.25 9.85 -1.68
CA GLU B 13 -5.79 11.01 -0.97
C GLU B 13 -6.39 10.69 0.38
N ASN B 14 -6.59 9.40 0.71
CA ASN B 14 -7.30 9.04 1.92
C ASN B 14 -6.62 7.91 2.68
N GLN B 15 -5.29 7.82 2.57
CA GLN B 15 -4.56 6.71 3.20
C GLN B 15 -4.78 6.67 4.70
N GLN B 16 -4.79 7.82 5.38
CA GLN B 16 -4.88 7.83 6.84
C GLN B 16 -6.26 7.36 7.28
N ASP B 17 -7.33 7.82 6.64
CA ASP B 17 -8.66 7.38 7.05
C ASP B 17 -8.90 5.93 6.64
N LEU B 18 -8.36 5.50 5.49
CA LEU B 18 -8.48 4.11 5.09
C LEU B 18 -7.73 3.19 6.06
N ALA B 19 -6.55 3.64 6.52
CA ALA B 19 -5.78 2.87 7.49
C ALA B 19 -6.51 2.81 8.83
N ALA B 20 -7.14 3.92 9.23
CA ALA B 20 -7.91 3.91 10.45
C ALA B 20 -9.07 2.93 10.36
N LEU B 21 -9.78 2.90 9.23
CA LEU B 21 -10.86 1.94 9.07
C LEU B 21 -10.33 0.51 9.06
N PHE B 22 -9.24 0.29 8.32
CA PHE B 22 -8.62 -1.02 8.27
C PHE B 22 -8.27 -1.51 9.67
N TRP B 23 -7.69 -0.65 10.51
CA TRP B 23 -7.28 -1.09 11.84
C TRP B 23 -8.48 -1.27 12.75
N GLY B 24 -9.45 -0.36 12.69
CA GLY B 24 -10.64 -0.53 13.50
C GLY B 24 -11.32 -1.87 13.25
N LEU B 25 -11.42 -2.25 11.98
CA LEU B 25 -12.02 -3.53 11.62
C LEU B 25 -11.14 -4.70 12.04
N TRP B 26 -9.81 -4.52 11.99
CA TRP B 26 -8.92 -5.56 12.51
C TRP B 26 -9.14 -5.78 14.00
N LEU B 27 -9.23 -4.67 14.76
CA LEU B 27 -9.54 -4.79 16.18
C LEU B 27 -10.84 -5.54 16.42
N GLU B 28 -11.83 -5.30 15.57
CA GLU B 28 -13.14 -5.91 15.79
C GLU B 28 -13.17 -7.39 15.40
N ASN B 29 -12.53 -7.73 14.29
CA ASN B 29 -12.78 -9.00 13.61
C ASN B 29 -11.55 -9.84 13.33
N GLY B 30 -10.35 -9.30 13.45
CA GLY B 30 -9.22 -10.03 12.91
C GLY B 30 -9.51 -10.35 11.45
N ASP B 31 -9.12 -11.54 11.03
CA ASP B 31 -9.46 -12.00 9.68
C ASP B 31 -10.68 -12.91 9.65
N SER B 32 -11.51 -12.87 10.69
CA SER B 32 -12.60 -13.83 10.82
C SER B 32 -13.69 -13.66 9.75
N GLN B 33 -13.82 -12.44 9.18
CA GLN B 33 -14.79 -12.19 8.12
C GLN B 33 -14.19 -12.20 6.73
N GLY B 34 -12.88 -12.38 6.63
CA GLY B 34 -12.21 -12.30 5.35
C GLY B 34 -11.48 -10.98 5.18
N THR B 35 -11.20 -10.67 3.92
CA THR B 35 -10.42 -9.49 3.53
C THR B 35 -11.34 -8.33 3.17
N ILE B 36 -10.98 -7.13 3.62
CA ILE B 36 -11.79 -5.96 3.27
C ILE B 36 -11.70 -5.71 1.78
N GLY B 37 -12.84 -5.45 1.16
CA GLY B 37 -12.84 -5.06 -0.24
C GLY B 37 -13.57 -3.75 -0.44
N ILE B 38 -13.33 -3.09 -1.56
CA ILE B 38 -14.14 -1.95 -2.00
C ILE B 38 -14.87 -2.40 -3.25
N ASP B 39 -16.18 -2.58 -3.14
CA ASP B 39 -17.00 -2.95 -4.30
C ASP B 39 -17.51 -1.66 -4.94
N LEU B 40 -17.14 -1.45 -6.20
CA LEU B 40 -17.44 -0.17 -6.84
C LEU B 40 -18.87 -0.10 -7.36
N GLN B 41 -19.58 -1.23 -7.39
CA GLN B 41 -20.92 -1.31 -7.97
C GLN B 41 -21.95 -1.75 -6.93
N PRO B 42 -23.19 -1.24 -7.02
CA PRO B 42 -23.67 -0.21 -7.96
C PRO B 42 -23.12 1.16 -7.57
N THR B 43 -22.83 1.35 -6.28
CA THR B 43 -22.13 2.51 -5.76
C THR B 43 -20.96 2.00 -4.93
N PRO B 44 -19.90 2.79 -4.76
CA PRO B 44 -18.73 2.30 -4.01
C PRO B 44 -19.05 2.08 -2.54
N HIS B 45 -18.75 0.88 -2.04
CA HIS B 45 -19.05 0.53 -0.66
C HIS B 45 -18.08 -0.54 -0.19
N PHE B 46 -17.91 -0.63 1.12
CA PHE B 46 -17.02 -1.62 1.69
C PHE B 46 -17.70 -2.96 1.83
N VAL B 47 -16.94 -4.03 1.58
CA VAL B 47 -17.41 -5.40 1.73
C VAL B 47 -16.34 -6.20 2.46
N TYR B 48 -16.75 -7.37 2.95
CA TYR B 48 -15.82 -8.38 3.43
C TYR B 48 -15.81 -9.52 2.41
N CYS B 49 -14.61 -9.99 2.06
CA CYS B 49 -14.45 -11.05 1.07
C CYS B 49 -13.95 -12.30 1.76
N PRO B 50 -14.81 -13.27 2.09
CA PRO B 50 -14.35 -14.50 2.75
C PRO B 50 -13.29 -15.21 1.92
N LYS B 51 -12.39 -15.93 2.61
CA LYS B 51 -11.29 -16.61 1.89
C LYS B 51 -11.89 -17.49 0.80
N ASP B 52 -12.93 -18.25 1.15
CA ASP B 52 -13.56 -19.16 0.19
C ASP B 52 -13.99 -18.43 -1.07
N ALA B 53 -14.50 -17.20 -0.92
CA ALA B 53 -14.93 -16.44 -2.09
C ALA B 53 -13.76 -16.06 -2.97
N VAL B 54 -12.63 -15.67 -2.35
CA VAL B 54 -11.46 -15.29 -3.12
C VAL B 54 -10.88 -16.50 -3.85
N GLU B 55 -10.92 -17.67 -3.23
CA GLU B 55 -10.47 -18.88 -3.91
C GLU B 55 -11.32 -19.15 -5.15
N LYS B 56 -12.65 -19.04 -5.01
CA LYS B 56 -13.52 -19.31 -6.15
C LYS B 56 -13.23 -18.35 -7.30
N LEU B 57 -13.04 -17.07 -6.99
CA LEU B 57 -12.67 -16.09 -8.01
C LEU B 57 -11.38 -16.52 -8.72
N ASN B 58 -10.36 -16.92 -7.94
CA ASN B 58 -9.08 -17.28 -8.55
C ASN B 58 -9.22 -18.49 -9.45
N ASN B 59 -9.97 -19.49 -9.02
CA ASN B 59 -10.26 -20.65 -9.85
C ASN B 59 -10.97 -20.26 -11.14
N ASN B 60 -11.95 -19.35 -11.06
CA ASN B 60 -12.70 -18.99 -12.26
C ASN B 60 -11.88 -18.16 -13.23
N VAL B 61 -10.80 -17.53 -12.78
CA VAL B 61 -9.89 -16.80 -13.66
C VAL B 61 -8.61 -17.60 -13.95
N GLU B 62 -8.64 -18.91 -13.71
CA GLU B 62 -7.57 -19.82 -14.09
C GLU B 62 -6.25 -19.40 -13.47
N ASN B 63 -6.32 -19.00 -12.20
CA ASN B 63 -5.19 -18.80 -11.30
C ASN B 63 -4.42 -17.53 -11.60
N ARG B 64 -4.92 -16.68 -12.50
CA ARG B 64 -4.28 -15.39 -12.75
C ARG B 64 -4.09 -14.57 -11.47
N LEU B 65 -4.84 -14.89 -10.39
CA LEU B 65 -4.80 -14.18 -9.13
C LEU B 65 -4.14 -14.99 -8.01
N GLN B 66 -3.31 -15.97 -8.36
CA GLN B 66 -2.77 -16.86 -7.32
C GLN B 66 -1.94 -16.07 -6.31
N GLU B 67 -1.24 -15.05 -6.78
CA GLU B 67 -0.40 -14.26 -5.89
C GLU B 67 -1.23 -13.51 -4.87
N LEU B 68 -2.49 -13.19 -5.18
CA LEU B 68 -3.33 -12.47 -4.24
C LEU B 68 -3.59 -13.30 -2.98
N LEU B 69 -3.82 -14.61 -3.14
CA LEU B 69 -4.03 -15.46 -1.98
C LEU B 69 -2.84 -15.38 -1.03
N GLY B 70 -1.61 -15.45 -1.56
CA GLY B 70 -0.43 -15.34 -0.71
C GLY B 70 -0.30 -13.97 -0.05
N ILE B 71 -0.62 -12.91 -0.80
CA ILE B 71 -0.53 -11.55 -0.25
C ILE B 71 -1.46 -11.42 0.94
N ILE B 72 -2.68 -11.98 0.82
CA ILE B 72 -3.64 -11.98 1.91
C ILE B 72 -3.09 -12.74 3.12
N GLU B 73 -2.60 -13.98 2.89
CA GLU B 73 -2.10 -14.79 4.02
C GLU B 73 -1.02 -14.09 4.80
N HIS B 74 -0.13 -13.37 4.12
CA HIS B 74 1.08 -12.85 4.74
C HIS B 74 0.98 -11.41 5.20
N ASN B 75 -0.16 -10.75 4.98
CA ASN B 75 -0.25 -9.33 5.31
C ASN B 75 0.04 -9.11 6.79
N GLN B 76 0.80 -8.05 7.08
CA GLN B 76 1.09 -7.67 8.45
C GLN B 76 0.22 -6.47 8.80
N PRO B 77 -0.90 -6.66 9.48
CA PRO B 77 -1.87 -5.56 9.64
C PRO B 77 -1.38 -4.42 10.50
N GLU B 78 -0.35 -4.62 11.34
CA GLU B 78 0.19 -3.51 12.11
C GLU B 78 0.94 -2.52 11.24
N ILE B 79 1.27 -2.91 10.03
CA ILE B 79 2.15 -2.12 9.16
C ILE B 79 1.49 -1.85 7.82
N GLU B 80 0.78 -2.84 7.27
CA GLU B 80 0.26 -2.80 5.91
C GLU B 80 -1.26 -2.80 5.92
N VAL B 81 -1.85 -1.81 5.26
CA VAL B 81 -3.26 -1.85 4.92
C VAL B 81 -3.43 -2.71 3.68
N LEU B 82 -4.39 -3.63 3.71
CA LEU B 82 -4.69 -4.50 2.58
C LEU B 82 -6.18 -4.44 2.27
N MET B 83 -6.53 -4.19 1.01
CA MET B 83 -7.92 -4.14 0.57
C MET B 83 -8.00 -4.65 -0.87
N ILE B 84 -9.14 -5.22 -1.25
CA ILE B 84 -9.37 -5.72 -2.61
C ILE B 84 -10.31 -4.74 -3.30
N GLY B 85 -9.81 -4.05 -4.32
CA GLY B 85 -10.66 -3.20 -5.15
C GLY B 85 -11.39 -4.03 -6.20
N ILE B 86 -12.72 -3.91 -6.24
CA ILE B 86 -13.55 -4.74 -7.11
C ILE B 86 -14.16 -3.85 -8.18
N GLY B 87 -13.64 -3.94 -9.40
CA GLY B 87 -14.18 -3.21 -10.53
C GLY B 87 -15.11 -4.07 -11.36
N LYS B 88 -15.22 -3.74 -12.64
CA LYS B 88 -16.06 -4.50 -13.56
C LYS B 88 -15.26 -5.68 -14.09
N GLY B 89 -15.56 -6.88 -13.56
CA GLY B 89 -14.85 -8.08 -13.95
C GLY B 89 -13.34 -7.98 -13.77
N GLU B 90 -12.91 -7.16 -12.83
CA GLU B 90 -11.48 -6.92 -12.61
C GLU B 90 -11.25 -6.56 -11.15
N ILE B 91 -10.14 -7.04 -10.59
CA ILE B 91 -9.80 -6.65 -9.22
C ILE B 91 -8.46 -5.93 -9.23
N LYS B 92 -8.29 -5.05 -8.25
CA LYS B 92 -7.08 -4.25 -8.08
C LYS B 92 -6.59 -4.36 -6.65
N LEU B 93 -5.33 -4.77 -6.47
CA LEU B 93 -4.71 -4.81 -5.15
C LEU B 93 -4.54 -3.41 -4.57
N ILE B 94 -4.99 -3.25 -3.33
CA ILE B 94 -4.68 -2.07 -2.53
C ILE B 94 -3.81 -2.56 -1.38
N GLN B 95 -2.53 -2.17 -1.39
CA GLN B 95 -1.65 -2.53 -0.28
C GLN B 95 -0.66 -1.39 -0.08
N PHE B 96 -0.66 -0.79 1.09
CA PHE B 96 0.26 0.30 1.34
C PHE B 96 0.62 0.35 2.82
N ALA B 97 1.79 0.92 3.12
CA ALA B 97 2.27 1.07 4.49
C ALA B 97 2.17 2.54 4.88
N PRO B 98 1.14 2.94 5.61
CA PRO B 98 0.94 4.37 5.87
C PRO B 98 1.87 4.89 6.95
N GLU B 99 1.96 6.21 7.01
CA GLU B 99 2.61 6.88 8.13
C GLU B 99 1.60 7.82 8.77
N PRO B 100 1.32 7.70 10.08
CA PRO B 100 1.84 6.69 11.01
C PRO B 100 1.22 5.35 10.68
N PRO B 101 1.62 4.26 11.33
CA PRO B 101 1.06 2.94 10.99
C PRO B 101 -0.41 2.82 11.36
N PRO B 102 -1.09 1.80 10.88
CA PRO B 102 -2.57 1.75 11.01
C PRO B 102 -3.06 1.88 12.45
N PRO B 103 -2.45 1.21 13.45
CA PRO B 103 -3.00 1.38 14.82
C PRO B 103 -2.99 2.85 15.28
N VAL B 104 -1.94 3.59 14.91
CA VAL B 104 -1.86 5.00 15.30
C VAL B 104 -2.84 5.86 14.50
N CYS B 105 -3.04 5.52 13.22
CA CYS B 105 -4.07 6.20 12.44
C CYS B 105 -5.44 6.07 13.11
N PHE B 106 -5.78 4.87 13.56
CA PHE B 106 -7.09 4.70 14.18
C PHE B 106 -7.19 5.53 15.45
N GLU B 107 -6.13 5.53 16.26
CA GLU B 107 -6.16 6.30 17.51
C GLU B 107 -6.20 7.80 17.22
N GLN B 108 -5.40 8.27 16.27
CA GLN B 108 -5.30 9.71 16.01
C GLN B 108 -6.53 10.27 15.32
N VAL B 109 -7.10 9.53 14.35
CA VAL B 109 -8.31 10.03 13.68
C VAL B 109 -9.46 10.14 14.68
N GLY B 110 -9.52 9.25 15.65
CA GLY B 110 -10.47 9.37 16.74
C GLY B 110 -11.92 9.17 16.35
N LYS B 111 -12.17 8.41 15.29
CA LYS B 111 -13.52 8.13 14.81
C LYS B 111 -13.79 6.64 14.94
N ASP B 112 -15.05 6.29 15.23
CA ASP B 112 -15.35 4.87 15.30
C ASP B 112 -15.55 4.29 13.91
N ILE B 113 -15.71 2.96 13.84
CA ILE B 113 -15.84 2.27 12.57
C ILE B 113 -17.02 2.83 11.77
N ASP B 114 -18.15 3.07 12.45
CA ASP B 114 -19.32 3.63 11.75
C ASP B 114 -18.99 4.93 11.04
N GLY B 115 -18.30 5.84 11.75
CA GLY B 115 -18.03 7.14 11.17
C GLY B 115 -17.02 7.08 10.05
N LEU B 116 -16.09 6.12 10.14
CA LEU B 116 -15.12 5.95 9.08
C LEU B 116 -15.79 5.37 7.84
N LEU B 117 -16.62 4.35 8.01
CA LEU B 117 -17.35 3.77 6.89
C LEU B 117 -18.17 4.84 6.19
N GLU B 118 -18.89 5.64 6.97
CA GLU B 118 -19.78 6.64 6.38
C GLU B 118 -18.97 7.68 5.61
N LEU B 119 -17.93 8.23 6.24
CA LEU B 119 -17.21 9.32 5.58
C LEU B 119 -16.50 8.81 4.32
N LEU B 120 -15.95 7.59 4.36
CA LEU B 120 -15.22 7.10 3.20
C LEU B 120 -16.14 6.77 2.04
N GLU B 121 -17.29 6.15 2.31
CA GLU B 121 -18.24 5.88 1.25
C GLU B 121 -18.78 7.17 0.65
N GLN B 122 -19.04 8.18 1.48
CA GLN B 122 -19.45 9.49 0.93
C GLN B 122 -18.38 10.05 0.02
N ARG B 123 -17.11 9.96 0.44
CA ARG B 123 -16.03 10.53 -0.37
C ARG B 123 -15.89 9.80 -1.70
N MET B 124 -16.10 8.48 -1.72
CA MET B 124 -15.99 7.76 -3.00
C MET B 124 -17.15 8.00 -3.92
N SER B 125 -18.31 8.35 -3.37
CA SER B 125 -19.53 8.45 -4.17
C SER B 125 -19.35 9.51 -5.24
N GLY B 126 -19.41 9.10 -6.50
CA GLY B 126 -19.25 10.02 -7.62
C GLY B 126 -17.82 10.25 -8.05
N GLU B 127 -16.83 9.95 -7.20
CA GLU B 127 -15.45 10.09 -7.66
C GLU B 127 -14.88 8.83 -8.29
N ILE B 128 -15.44 7.66 -8.03
CA ILE B 128 -15.01 6.42 -8.69
C ILE B 128 -16.21 5.85 -9.44
N VAL B 129 -16.08 5.75 -10.76
CA VAL B 129 -17.20 5.50 -11.66
C VAL B 129 -16.86 4.35 -12.58
N VAL B 130 -17.73 3.34 -12.62
CA VAL B 130 -17.45 2.15 -13.43
C VAL B 130 -18.37 2.09 -14.66
N PHE C 1 -18.17 -13.38 -8.27
CA PHE C 1 -17.44 -12.98 -7.07
C PHE C 1 -18.28 -12.07 -6.19
N ARG C 2 -18.87 -11.04 -6.81
CA ARG C 2 -19.62 -10.05 -6.04
C ARG C 2 -20.79 -10.66 -5.28
N GLU C 3 -21.34 -11.77 -5.78
CA GLU C 3 -22.41 -12.46 -5.08
C GLU C 3 -21.94 -13.11 -3.79
N ASN C 4 -20.64 -13.27 -3.60
CA ASN C 4 -20.10 -14.01 -2.47
C ASN C 4 -19.45 -13.13 -1.41
N VAL C 5 -19.46 -11.81 -1.60
CA VAL C 5 -18.92 -10.87 -0.64
C VAL C 5 -20.08 -10.30 0.18
N ASN C 6 -19.75 -9.74 1.34
CA ASN C 6 -20.72 -9.33 2.34
C ASN C 6 -20.51 -7.87 2.68
N ALA C 7 -21.56 -7.07 2.54
CA ALA C 7 -21.47 -5.64 2.83
C ALA C 7 -21.03 -5.40 4.27
N ILE C 8 -20.19 -4.40 4.46
CA ILE C 8 -19.81 -3.92 5.79
C ILE C 8 -20.66 -2.69 6.04
N ARG C 9 -21.62 -2.79 6.93
CA ARG C 9 -22.50 -1.65 7.13
C ARG C 9 -22.24 -1.00 8.48
N PRO C 10 -22.39 0.32 8.59
CA PRO C 10 -22.42 0.94 9.92
C PRO C 10 -23.54 0.34 10.73
N PHE C 11 -23.32 0.22 12.04
CA PHE C 11 -24.42 -0.11 12.94
C PHE C 11 -25.55 0.88 12.76
N GLY C 12 -25.20 2.14 12.56
CA GLY C 12 -26.18 3.20 12.39
C GLY C 12 -26.50 3.87 13.71
N ARG C 13 -27.03 5.08 13.60
CA ARG C 13 -27.53 5.81 14.76
C ARG C 13 -28.91 5.25 15.10
N ARG C 14 -28.95 4.29 16.04
CA ARG C 14 -30.21 3.62 16.28
C ARG C 14 -31.14 4.54 17.09
N PRO C 15 -32.42 4.63 16.71
CA PRO C 15 -33.35 5.54 17.39
C PRO C 15 -33.55 5.25 18.88
#